data_4GZL
#
_entry.id   4GZL
#
_cell.length_a   49.830
_cell.length_b   72.940
_cell.length_c   91.597
_cell.angle_alpha   90.00
_cell.angle_beta   90.00
_cell.angle_gamma   90.00
#
_symmetry.space_group_name_H-M   'P 21 21 21'
#
loop_
_entity.id
_entity.type
_entity.pdbx_description
1 polymer 'Ras-related C3 botulinum toxin substrate 1'
2 non-polymer 'PHOSPHOAMINOPHOSPHONIC ACID-GUANYLATE ESTER'
3 non-polymer 'MAGNESIUM ION'
4 non-polymer 'ISOPROPYL ALCOHOL'
5 water water
#
_entity_poly.entity_id   1
_entity_poly.type   'polypeptide(L)'
_entity_poly.pdbx_seq_one_letter_code
;MGSSHHHHHHSSGLVPRGSHMENLYFQGQAIKCVVVGDGAVGKTCLLISYTTNAFPGEYIPTVFDNYSANVMVDGKPVNL
GLWDTAGLEDYDRLRPLSYPQTDVFLICFSLVSPASFENVRAKWYPEVRHHCPNTPIILVGTKLDLRDDKDTIEKLKEKK
LTPITYPQGLAMAKEIGAVKYLECSALTQRGLKTVFDEAIRAVL
;
_entity_poly.pdbx_strand_id   A,B
#
loop_
_chem_comp.id
_chem_comp.type
_chem_comp.name
_chem_comp.formula
GNP non-polymer 'PHOSPHOAMINOPHOSPHONIC ACID-GUANYLATE ESTER' 'C10 H17 N6 O13 P3'
IPA non-polymer 'ISOPROPYL ALCOHOL' 'C3 H8 O'
MG non-polymer 'MAGNESIUM ION' 'Mg 2'
#
# COMPACT_ATOMS: atom_id res chain seq x y z
N ALA A 30 -12.67 17.38 -0.90
CA ALA A 30 -12.70 16.27 0.09
C ALA A 30 -11.55 16.44 1.09
N ILE A 31 -11.79 15.97 2.29
CA ILE A 31 -10.76 15.86 3.30
C ILE A 31 -10.37 14.40 3.29
N LYS A 32 -9.07 14.14 3.33
CA LYS A 32 -8.56 12.76 3.38
C LYS A 32 -8.20 12.48 4.84
N CYS A 33 -8.93 11.53 5.43
CA CYS A 33 -8.76 11.16 6.79
C CYS A 33 -8.32 9.68 6.81
N VAL A 34 -7.18 9.40 7.43
CA VAL A 34 -6.63 8.07 7.35
C VAL A 34 -6.69 7.48 8.74
N VAL A 35 -7.18 6.25 8.85
CA VAL A 35 -7.42 5.67 10.16
C VAL A 35 -6.47 4.51 10.41
N VAL A 36 -5.69 4.60 11.48
CA VAL A 36 -4.69 3.55 11.74
C VAL A 36 -4.76 3.08 13.22
N GLY A 37 -4.11 1.95 13.57
CA GLY A 37 -4.14 1.54 14.98
C GLY A 37 -4.09 0.00 14.95
N ASP A 38 -3.85 -0.67 16.09
CA ASP A 38 -3.59 -2.14 16.10
C ASP A 38 -4.76 -2.93 15.50
N GLY A 39 -4.48 -4.13 14.96
CA GLY A 39 -5.51 -5.00 14.47
C GLY A 39 -6.52 -5.20 15.57
N ALA A 40 -7.78 -5.23 15.16
CA ALA A 40 -8.93 -5.52 16.05
C ALA A 40 -9.27 -4.39 17.06
N VAL A 41 -8.67 -3.19 16.98
CA VAL A 41 -9.10 -2.22 17.99
C VAL A 41 -10.49 -1.65 17.66
N GLY A 42 -10.98 -1.85 16.42
CA GLY A 42 -12.33 -1.40 15.99
C GLY A 42 -12.39 -0.24 14.97
N LYS A 43 -11.33 -0.07 14.22
CA LYS A 43 -11.31 0.98 13.16
C LYS A 43 -12.44 0.84 12.15
N THR A 44 -12.57 -0.34 11.56
CA THR A 44 -13.60 -0.61 10.54
C THR A 44 -15.02 -0.43 11.16
N CYS A 45 -15.23 -0.97 12.39
CA CYS A 45 -16.55 -0.82 13.02
C CYS A 45 -16.90 0.66 13.21
N LEU A 46 -15.90 1.44 13.58
CA LEU A 46 -16.22 2.80 13.85
C LEU A 46 -16.61 3.55 12.56
N LEU A 47 -15.91 3.24 11.47
CA LEU A 47 -16.21 3.88 10.20
C LEU A 47 -17.52 3.41 9.65
N ILE A 48 -17.80 2.12 9.79
CA ILE A 48 -19.03 1.64 9.22
C ILE A 48 -20.18 2.11 10.07
N SER A 49 -20.01 2.04 11.41
CA SER A 49 -21.08 2.53 12.30
C SER A 49 -21.44 4.00 11.97
N TYR A 50 -20.40 4.81 11.77
CA TYR A 50 -20.58 6.23 11.50
C TYR A 50 -21.23 6.53 10.15
N THR A 51 -20.75 5.89 9.09
CA THR A 51 -21.30 6.16 7.75
C THR A 51 -22.61 5.46 7.48
N THR A 52 -22.87 4.35 8.17
CA THR A 52 -24.08 3.58 7.80
C THR A 52 -25.04 3.32 8.95
N ASN A 53 -24.61 3.57 10.18
CA ASN A 53 -25.36 3.13 11.38
C ASN A 53 -25.51 1.64 11.48
N ALA A 54 -24.61 0.90 10.88
CA ALA A 54 -24.65 -0.55 10.96
C ALA A 54 -23.43 -0.92 11.76
N PHE A 55 -23.53 -2.04 12.48
CA PHE A 55 -22.38 -2.54 13.20
C PHE A 55 -22.02 -3.92 12.67
N PRO A 56 -20.81 -4.06 12.07
CA PRO A 56 -20.44 -5.34 11.45
C PRO A 56 -20.68 -6.54 12.38
N GLY A 57 -20.91 -7.75 11.84
CA GLY A 57 -20.83 -8.07 10.41
C GLY A 57 -19.87 -9.23 10.15
N TYR A 59 -15.48 -9.68 12.89
CA TYR A 59 -14.07 -9.43 12.61
C TYR A 59 -13.61 -10.12 11.34
N ILE A 60 -13.54 -9.31 10.29
CA ILE A 60 -12.78 -9.60 9.10
C ILE A 60 -11.62 -8.57 9.06
N PRO A 61 -10.36 -9.02 9.30
CA PRO A 61 -9.22 -8.11 9.20
C PRO A 61 -9.23 -7.34 7.88
N THR A 62 -9.09 -6.02 7.96
CA THR A 62 -8.98 -5.20 6.77
C THR A 62 -7.66 -5.36 5.98
N VAL A 63 -7.75 -5.36 4.66
CA VAL A 63 -6.58 -5.17 3.81
C VAL A 63 -6.45 -3.69 3.47
N PHE A 64 -7.47 -3.12 2.85
CA PHE A 64 -7.58 -1.66 2.71
C PHE A 64 -8.98 -1.38 2.16
N ASP A 65 -9.64 -0.34 2.66
CA ASP A 65 -10.91 0.13 2.11
C ASP A 65 -11.00 1.62 2.21
N ASN A 66 -11.76 2.18 1.28
CA ASN A 66 -12.09 3.60 1.22
CA ASN A 66 -12.12 3.61 1.19
C ASN A 66 -13.59 3.81 1.44
N TYR A 67 -13.99 4.57 2.47
CA TYR A 67 -15.40 4.98 2.64
C TYR A 67 -15.53 6.51 2.47
N SER A 68 -16.73 6.99 2.15
CA SER A 68 -16.92 8.44 2.04
C SER A 68 -18.27 8.91 2.56
N ALA A 69 -18.27 9.99 3.31
CA ALA A 69 -19.48 10.52 3.90
C ALA A 69 -19.60 12.00 3.58
N ASN A 70 -20.80 12.44 3.18
CA ASN A 70 -21.08 13.87 3.12
C ASN A 70 -21.65 14.32 4.46
N VAL A 71 -20.91 15.15 5.16
CA VAL A 71 -21.17 15.43 6.56
C VAL A 71 -21.43 16.92 6.81
N MET A 72 -22.23 17.21 7.83
CA MET A 72 -22.48 18.60 8.22
C MET A 72 -21.74 18.88 9.52
N VAL A 73 -20.77 19.79 9.49
CA VAL A 73 -20.04 20.15 10.72
C VAL A 73 -20.13 21.65 10.97
N ASP A 74 -20.49 21.99 12.22
CA ASP A 74 -20.65 23.38 12.69
C ASP A 74 -21.70 24.19 11.92
N LYS A 76 -21.00 24.48 6.34
CA LYS A 76 -21.10 23.28 7.18
C LYS A 76 -21.00 21.91 6.45
N PRO A 77 -21.37 21.82 5.14
CA PRO A 77 -21.21 20.50 4.45
C PRO A 77 -19.77 20.19 3.99
N VAL A 78 -19.37 18.92 4.17
CA VAL A 78 -18.01 18.46 3.92
C VAL A 78 -18.03 17.10 3.23
N ASN A 79 -17.15 16.91 2.24
CA ASN A 79 -16.94 15.57 1.71
C ASN A 79 -15.76 14.95 2.45
N LEU A 80 -16.04 13.96 3.29
CA LEU A 80 -15.01 13.33 4.07
C LEU A 80 -14.65 12.03 3.37
N GLY A 81 -13.36 11.88 3.02
CA GLY A 81 -12.90 10.59 2.46
C GLY A 81 -12.25 9.82 3.60
N LEU A 82 -12.69 8.61 3.90
CA LEU A 82 -12.14 7.86 5.01
C LEU A 82 -11.33 6.69 4.50
N TRP A 83 -10.07 6.59 4.90
CA TRP A 83 -9.17 5.50 4.48
C TRP A 83 -8.94 4.56 5.61
N ASP A 84 -9.54 3.40 5.47
CA ASP A 84 -9.52 2.39 6.50
C ASP A 84 -8.31 1.47 6.24
N THR A 85 -7.33 1.51 7.15
CA THR A 85 -6.09 0.77 6.90
C THR A 85 -6.04 -0.58 7.68
N ALA A 86 -5.13 -1.46 7.25
CA ALA A 86 -4.85 -2.74 7.90
C ALA A 86 -4.08 -2.53 9.23
N GLY A 87 -4.64 -2.95 10.34
CA GLY A 87 -3.86 -2.89 11.61
C GLY A 87 -2.81 -4.02 11.76
N LEU A 88 -2.99 -5.15 11.05
CA LEU A 88 -2.10 -6.33 11.13
C LEU A 88 -0.66 -5.99 10.72
N GLU A 89 0.30 -6.54 11.44
CA GLU A 89 1.69 -6.23 11.13
C GLU A 89 2.18 -6.70 9.73
N ASP A 90 1.51 -7.65 9.07
CA ASP A 90 1.91 -8.05 7.70
C ASP A 90 1.93 -6.91 6.71
N TYR A 91 1.27 -5.81 7.06
CA TYR A 91 1.03 -4.77 6.09
C TYR A 91 1.86 -3.51 6.41
N ASP A 92 2.80 -3.66 7.35
CA ASP A 92 3.67 -2.56 7.75
C ASP A 92 4.43 -1.90 6.60
N ARG A 93 4.97 -2.72 5.70
CA ARG A 93 5.74 -2.20 4.58
C ARG A 93 4.84 -1.49 3.57
N LEU A 94 3.55 -1.79 3.60
CA LEU A 94 2.66 -1.28 2.57
C LEU A 94 1.78 -0.13 3.06
N ARG A 95 1.42 -0.17 4.34
CA ARG A 95 0.47 0.77 4.89
C ARG A 95 0.85 2.24 4.60
N PRO A 96 2.13 2.62 4.79
CA PRO A 96 2.51 4.03 4.66
C PRO A 96 2.34 4.62 3.24
N LEU A 97 2.19 3.76 2.24
CA LEU A 97 1.79 4.17 0.87
C LEU A 97 0.49 4.98 0.86
N SER A 98 -0.34 4.78 1.87
CA SER A 98 -1.62 5.47 2.05
CA SER A 98 -1.61 5.49 1.93
C SER A 98 -1.48 6.89 2.52
N TYR A 99 -0.29 7.24 3.05
CA TYR A 99 -0.15 8.48 3.84
C TYR A 99 0.00 9.80 3.10
N PRO A 100 0.71 9.83 1.96
CA PRO A 100 0.88 11.14 1.28
C PRO A 100 -0.44 11.89 1.14
N GLN A 101 -0.41 13.19 1.35
CA GLN A 101 -1.63 13.98 1.13
C GLN A 101 -2.74 13.86 2.16
N THR A 102 -2.53 13.14 3.27
CA THR A 102 -3.54 13.04 4.33
C THR A 102 -3.84 14.39 4.94
N ASP A 103 -5.13 14.66 5.21
CA ASP A 103 -5.51 15.86 5.93
C ASP A 103 -5.53 15.76 7.45
N VAL A 104 -5.88 14.58 7.92
CA VAL A 104 -5.95 14.37 9.33
C VAL A 104 -5.84 12.83 9.51
N PHE A 105 -5.14 12.45 10.56
CA PHE A 105 -5.07 11.05 10.92
C PHE A 105 -5.91 10.77 12.18
N LEU A 106 -6.55 9.59 12.24
CA LEU A 106 -7.11 9.09 13.51
C LEU A 106 -6.19 7.91 13.96
N ILE A 107 -5.51 8.07 15.09
CA ILE A 107 -4.76 6.91 15.64
C ILE A 107 -5.67 6.30 16.69
N CYS A 108 -6.01 5.04 16.53
CA CYS A 108 -7.01 4.41 17.38
C CYS A 108 -6.38 3.33 18.27
N PHE A 109 -6.94 3.14 19.46
CA PHE A 109 -6.46 2.04 20.34
C PHE A 109 -7.66 1.60 21.12
N SER A 110 -7.82 0.31 21.51
CA SER A 110 -8.94 -0.10 22.30
C SER A 110 -8.72 0.29 23.76
N LEU A 111 -9.75 0.87 24.38
CA LEU A 111 -9.73 1.31 25.77
C LEU A 111 -9.58 0.07 26.65
N VAL A 112 -9.82 -1.12 26.10
CA VAL A 112 -9.68 -2.31 26.91
C VAL A 112 -8.49 -3.16 26.45
N SER A 113 -7.51 -2.51 25.79
CA SER A 113 -6.33 -3.27 25.40
C SER A 113 -5.13 -2.39 25.65
N PRO A 114 -4.51 -2.49 26.88
CA PRO A 114 -3.33 -1.67 27.21
C PRO A 114 -2.14 -1.80 26.21
N ALA A 115 -1.89 -2.98 25.67
CA ALA A 115 -0.93 -3.12 24.55
C ALA A 115 -1.23 -2.18 23.40
N SER A 116 -2.48 -2.14 22.93
CA SER A 116 -2.79 -1.24 21.81
C SER A 116 -2.57 0.22 22.16
N PHE A 117 -2.76 0.57 23.44
CA PHE A 117 -2.62 1.92 23.90
C PHE A 117 -1.11 2.26 23.84
N GLU A 118 -0.27 1.38 24.37
CA GLU A 118 1.18 1.58 24.33
C GLU A 118 1.66 1.67 22.88
N ASN A 119 1.05 0.87 22.00
CA ASN A 119 1.41 1.03 20.56
C ASN A 119 1.06 2.34 19.92
N VAL A 120 0.16 3.08 20.52
CA VAL A 120 -0.08 4.43 20.04
C VAL A 120 1.28 5.19 19.93
N ARG A 121 2.11 5.13 20.98
CA ARG A 121 3.35 5.90 20.93
C ARG A 121 4.48 4.97 20.47
N ALA A 122 4.39 3.65 20.72
CA ALA A 122 5.47 2.76 20.30
C ALA A 122 5.51 2.51 18.75
N LYS A 123 4.36 2.49 18.09
CA LYS A 123 4.32 2.17 16.66
C LYS A 123 3.64 3.26 15.79
N TRP A 124 2.40 3.61 16.13
CA TRP A 124 1.56 4.38 15.18
C TRP A 124 2.03 5.82 15.04
N TYR A 125 2.30 6.44 16.17
CA TYR A 125 2.81 7.86 16.16
C TYR A 125 4.05 8.04 15.32
N PRO A 126 5.10 7.20 15.54
CA PRO A 126 6.32 7.28 14.73
C PRO A 126 6.07 6.92 13.25
N GLU A 127 5.24 5.92 12.99
CA GLU A 127 5.00 5.52 11.60
C GLU A 127 4.33 6.69 10.85
N VAL A 128 3.31 7.29 11.47
CA VAL A 128 2.59 8.39 10.81
C VAL A 128 3.57 9.57 10.59
N ARG A 129 4.29 9.95 11.65
CA ARG A 129 5.22 11.07 11.61
C ARG A 129 6.44 10.90 10.70
N HIS A 130 6.93 9.65 10.59
CA HIS A 130 7.97 9.28 9.62
C HIS A 130 7.62 9.91 8.27
N HIS A 131 6.36 9.73 7.89
CA HIS A 131 5.86 10.10 6.56
C HIS A 131 5.21 11.45 6.44
N CYS A 132 4.53 11.88 7.52
CA CYS A 132 3.69 13.11 7.54
C CYS A 132 4.06 13.93 8.78
N PRO A 133 5.11 14.76 8.68
CA PRO A 133 5.48 15.41 9.93
C PRO A 133 4.42 16.34 10.58
N ASN A 134 3.51 16.89 9.76
CA ASN A 134 2.70 18.05 10.20
C ASN A 134 1.27 17.71 10.39
N THR A 135 0.83 16.67 9.74
CA THR A 135 -0.60 16.39 9.65
C THR A 135 -1.20 16.19 11.03
N PRO A 136 -2.31 16.87 11.31
CA PRO A 136 -2.92 16.73 12.65
C PRO A 136 -3.29 15.29 12.98
N ILE A 137 -3.07 14.92 14.23
CA ILE A 137 -3.53 13.60 14.69
C ILE A 137 -4.63 13.78 15.74
N ILE A 138 -5.70 13.00 15.60
CA ILE A 138 -6.66 12.84 16.66
C ILE A 138 -6.42 11.48 17.27
N LEU A 139 -6.29 11.41 18.60
CA LEU A 139 -6.16 10.14 19.30
C LEU A 139 -7.56 9.71 19.72
N VAL A 140 -7.94 8.48 19.39
CA VAL A 140 -9.28 7.98 19.59
C VAL A 140 -9.18 6.68 20.40
N GLY A 141 -9.86 6.64 21.55
CA GLY A 141 -9.97 5.44 22.37
C GLY A 141 -11.28 4.77 21.95
N THR A 142 -11.22 3.51 21.56
CA THR A 142 -12.38 2.78 21.04
C THR A 142 -12.93 1.76 22.06
N LYS A 143 -14.08 1.15 21.71
CA LYS A 143 -14.85 0.20 22.56
C LYS A 143 -15.13 0.84 23.93
N LEU A 144 -15.55 2.10 23.88
CA LEU A 144 -15.89 2.79 25.13
C LEU A 144 -16.94 2.04 25.91
N ASP A 145 -17.87 1.35 25.22
CA ASP A 145 -18.89 0.62 25.97
C ASP A 145 -18.28 -0.51 26.88
N LEU A 146 -17.03 -0.91 26.63
CA LEU A 146 -16.44 -2.04 27.40
C LEU A 146 -15.61 -1.55 28.61
N ARG A 147 -15.37 -0.26 28.68
CA ARG A 147 -14.35 0.30 29.55
C ARG A 147 -14.74 0.17 30.95
N ASP A 148 -16.03 0.32 31.21
CA ASP A 148 -16.48 0.34 32.53
C ASP A 148 -17.45 -0.85 32.63
N ASP A 149 -17.31 -1.82 31.73
CA ASP A 149 -18.09 -3.05 31.83
C ASP A 149 -17.40 -4.04 32.79
N LYS A 150 -18.18 -4.51 33.77
CA LYS A 150 -17.69 -5.30 34.90
C LYS A 150 -17.01 -6.62 34.52
N ASP A 151 -17.62 -7.32 33.59
CA ASP A 151 -17.09 -8.57 33.05
C ASP A 151 -15.77 -8.30 32.36
N THR A 152 -15.70 -7.20 31.58
CA THR A 152 -14.45 -6.80 30.94
C THR A 152 -13.38 -6.41 31.95
N ILE A 153 -13.77 -5.67 33.00
CA ILE A 153 -12.80 -5.26 34.04
C ILE A 153 -12.31 -6.55 34.80
N GLU A 154 -13.18 -7.52 34.99
CA GLU A 154 -12.82 -8.76 35.73
CA GLU A 154 -12.81 -8.74 35.73
C GLU A 154 -11.82 -9.59 34.92
N LYS A 155 -12.12 -9.81 33.65
CA LYS A 155 -11.23 -10.54 32.77
C LYS A 155 -9.83 -9.90 32.73
N LEU A 156 -9.77 -8.57 32.57
CA LEU A 156 -8.50 -7.81 32.56
C LEU A 156 -7.80 -7.95 33.90
N LYS A 157 -8.56 -7.96 34.99
CA LYS A 157 -7.93 -8.00 36.30
C LYS A 157 -7.18 -9.27 36.57
N GLU A 158 -7.78 -10.39 36.12
CA GLU A 158 -7.12 -11.71 36.09
CA GLU A 158 -7.10 -11.70 36.15
C GLU A 158 -5.74 -11.57 35.46
N LYS A 159 -5.65 -10.78 34.38
CA LYS A 159 -4.36 -10.55 33.69
C LYS A 159 -3.52 -9.41 34.35
N LYS A 160 -3.96 -8.96 35.55
CA LYS A 160 -3.40 -7.82 36.30
C LYS A 160 -3.43 -6.47 35.55
N LEU A 161 -4.42 -6.28 34.68
CA LEU A 161 -4.48 -5.10 33.81
C LEU A 161 -5.78 -4.40 34.11
N THR A 162 -5.94 -3.19 33.55
CA THR A 162 -7.13 -2.36 33.86
C THR A 162 -7.37 -1.55 32.61
N PRO A 163 -8.64 -1.13 32.37
CA PRO A 163 -8.93 -0.43 31.11
C PRO A 163 -8.19 0.89 31.10
N ILE A 164 -7.95 1.47 29.94
CA ILE A 164 -7.36 2.81 29.88
C ILE A 164 -8.37 3.85 30.40
N THR A 165 -7.94 4.70 31.32
CA THR A 165 -8.87 5.68 31.86
C THR A 165 -8.77 6.97 31.03
N TYR A 166 -9.80 7.80 31.14
CA TYR A 166 -9.78 9.08 30.36
C TYR A 166 -8.53 9.93 30.61
N PRO A 167 -8.14 10.16 31.90
CA PRO A 167 -6.89 10.93 32.10
C PRO A 167 -5.65 10.27 31.50
N GLN A 168 -5.58 8.92 31.49
CA GLN A 168 -4.38 8.35 30.84
C GLN A 168 -4.42 8.63 29.33
N GLY A 169 -5.60 8.55 28.70
CA GLY A 169 -5.68 8.84 27.29
C GLY A 169 -5.26 10.28 27.01
N LEU A 170 -5.68 11.18 27.90
CA LEU A 170 -5.36 12.57 27.70
CA LEU A 170 -5.36 12.57 27.76
C LEU A 170 -3.84 12.75 27.78
N ALA A 171 -3.17 12.03 28.69
CA ALA A 171 -1.71 12.16 28.86
C ALA A 171 -1.01 11.64 27.61
N MET A 172 -1.56 10.59 27.02
CA MET A 172 -0.95 10.00 25.85
C MET A 172 -1.17 10.99 24.68
N ALA A 173 -2.36 11.61 24.60
CA ALA A 173 -2.62 12.64 23.52
C ALA A 173 -1.57 13.73 23.59
N LYS A 174 -1.29 14.18 24.82
CA LYS A 174 -0.29 15.23 25.01
C LYS A 174 1.13 14.80 24.58
N GLU A 175 1.48 13.58 24.97
CA GLU A 175 2.81 13.00 24.70
C GLU A 175 2.99 12.86 23.19
N ILE A 176 1.93 12.57 22.44
CA ILE A 176 2.10 12.49 20.99
C ILE A 176 1.71 13.80 20.26
N GLY A 177 1.40 14.91 20.98
CA GLY A 177 1.03 16.21 20.30
C GLY A 177 -0.24 16.02 19.44
N ALA A 178 -1.13 15.10 19.82
CA ALA A 178 -2.44 14.95 19.17
C ALA A 178 -3.23 16.25 19.41
N VAL A 179 -4.03 16.66 18.44
CA VAL A 179 -4.79 17.90 18.63
C VAL A 179 -6.05 17.71 19.47
N LYS A 180 -6.47 16.48 19.72
CA LYS A 180 -7.64 16.23 20.58
C LYS A 180 -7.56 14.79 20.95
N TYR A 181 -8.11 14.48 22.12
CA TYR A 181 -8.30 13.07 22.55
C TYR A 181 -9.78 12.80 22.61
N LEU A 182 -10.28 11.72 22.00
CA LEU A 182 -11.75 11.44 22.05
C LEU A 182 -11.94 9.95 22.31
N GLU A 183 -13.00 9.63 23.02
CA GLU A 183 -13.38 8.22 23.25
C GLU A 183 -14.72 7.97 22.56
N CYS A 184 -14.91 6.76 22.01
CA CYS A 184 -16.14 6.40 21.36
C CYS A 184 -16.45 4.90 21.49
N SER A 185 -17.71 4.59 21.25
CA SER A 185 -18.13 3.26 20.94
C SER A 185 -18.83 3.21 19.57
N ALA A 186 -18.29 2.41 18.63
CA ALA A 186 -19.02 2.11 17.40
C ALA A 186 -20.32 1.36 17.72
N LEU A 187 -20.31 0.50 18.74
CA LEU A 187 -21.50 -0.25 19.12
C LEU A 187 -22.67 0.64 19.62
N THR A 188 -22.46 1.48 20.65
CA THR A 188 -23.59 2.34 21.14
C THR A 188 -23.63 3.73 20.49
N GLN A 189 -22.57 4.02 19.71
CA GLN A 189 -22.42 5.33 19.04
C GLN A 189 -22.15 6.46 20.04
N ARG A 190 -21.86 6.12 21.30
CA ARG A 190 -21.43 7.19 22.22
C ARG A 190 -20.12 7.84 21.70
N GLY A 191 -20.04 9.18 21.63
CA GLY A 191 -18.79 9.84 21.19
C GLY A 191 -18.44 9.76 19.70
N LEU A 192 -19.31 9.09 18.93
CA LEU A 192 -18.96 8.71 17.55
C LEU A 192 -19.00 9.89 16.58
N LYS A 193 -20.02 10.72 16.69
CA LYS A 193 -20.09 11.89 15.84
C LYS A 193 -18.97 12.89 16.06
N THR A 194 -18.56 13.05 17.32
CA THR A 194 -17.61 14.08 17.71
C THR A 194 -16.26 13.69 17.10
N VAL A 195 -15.99 12.41 17.02
CA VAL A 195 -14.73 12.00 16.39
C VAL A 195 -14.59 12.66 15.01
N PHE A 196 -15.63 12.58 14.20
CA PHE A 196 -15.55 13.14 12.82
C PHE A 196 -15.73 14.65 12.77
N ASP A 197 -16.52 15.18 13.71
CA ASP A 197 -16.62 16.63 13.78
C ASP A 197 -15.23 17.22 14.06
N GLU A 198 -14.49 16.58 14.97
CA GLU A 198 -13.22 17.14 15.40
C GLU A 198 -12.12 16.85 14.35
N ALA A 199 -12.22 15.72 13.65
CA ALA A 199 -11.27 15.41 12.58
C ALA A 199 -11.37 16.52 11.54
N ILE A 200 -12.59 16.85 11.18
CA ILE A 200 -12.85 17.91 10.24
C ILE A 200 -12.43 19.31 10.75
N ARG A 201 -12.79 19.62 12.00
CA ARG A 201 -12.39 20.90 12.60
C ARG A 201 -10.87 21.02 12.64
N ALA A 202 -10.18 19.87 12.76
CA ALA A 202 -8.72 19.82 12.76
C ALA A 202 -8.08 20.31 11.42
N VAL A 203 -8.83 20.27 10.32
CA VAL A 203 -8.38 20.46 8.98
C VAL A 203 -8.90 21.85 8.50
N LEU A 204 -10.18 22.15 8.71
CA LEU A 204 -10.78 23.43 8.25
C LEU A 204 -10.39 24.64 9.09
N GLN B 29 15.82 15.70 -11.54
CA GLN B 29 16.20 14.39 -12.14
C GLN B 29 15.92 13.19 -11.19
N ALA B 30 14.95 13.35 -10.27
CA ALA B 30 14.45 12.26 -9.39
C ALA B 30 13.24 11.49 -9.97
N ILE B 31 13.49 10.47 -10.79
CA ILE B 31 12.41 9.79 -11.49
C ILE B 31 11.87 8.63 -10.67
N LYS B 32 10.54 8.59 -10.53
CA LYS B 32 9.83 7.42 -9.96
C LYS B 32 9.36 6.42 -11.02
N CYS B 33 9.89 5.20 -10.89
CA CYS B 33 9.68 4.15 -11.84
C CYS B 33 9.06 2.99 -11.08
N VAL B 34 7.87 2.60 -11.46
CA VAL B 34 7.17 1.61 -10.70
C VAL B 34 7.13 0.36 -11.54
N VAL B 35 7.45 -0.77 -10.91
CA VAL B 35 7.54 -2.04 -11.60
C VAL B 35 6.45 -3.06 -11.14
N VAL B 36 5.66 -3.52 -12.11
CA VAL B 36 4.50 -4.34 -11.82
C VAL B 36 4.46 -5.56 -12.72
N GLY B 37 3.72 -6.60 -12.33
CA GLY B 37 3.55 -7.73 -13.24
C GLY B 37 3.41 -8.97 -12.37
N ASP B 38 3.00 -10.08 -12.97
CA ASP B 38 2.66 -11.27 -12.16
C ASP B 38 3.75 -11.69 -11.14
N GLY B 39 3.34 -12.41 -10.09
CA GLY B 39 4.30 -13.04 -9.15
C GLY B 39 5.27 -13.92 -9.91
N ALA B 40 6.56 -13.86 -9.54
CA ALA B 40 7.63 -14.74 -10.08
C ALA B 40 8.12 -14.47 -11.53
N VAL B 41 7.60 -13.45 -12.18
CA VAL B 41 8.07 -13.11 -13.52
C VAL B 41 9.52 -12.59 -13.51
N GLY B 42 10.01 -12.16 -12.35
CA GLY B 42 11.37 -11.62 -12.27
C GLY B 42 11.61 -10.12 -12.07
N LYS B 43 10.63 -9.46 -11.49
CA LYS B 43 10.73 -8.00 -11.24
C LYS B 43 11.86 -7.68 -10.29
N THR B 44 11.83 -8.28 -9.12
CA THR B 44 12.95 -8.07 -8.15
C THR B 44 14.33 -8.39 -8.71
N CYS B 45 14.47 -9.60 -9.36
CA CYS B 45 15.79 -9.94 -9.94
C CYS B 45 16.25 -8.89 -10.95
N LEU B 46 15.33 -8.40 -11.74
CA LEU B 46 15.75 -7.47 -12.77
C LEU B 46 16.29 -6.23 -12.05
N LEU B 47 15.63 -5.88 -10.94
CA LEU B 47 16.02 -4.67 -10.21
C LEU B 47 17.34 -4.78 -9.52
N ILE B 48 17.60 -5.92 -8.91
CA ILE B 48 18.83 -6.13 -8.14
CA ILE B 48 18.83 -6.11 -8.13
C ILE B 48 20.00 -6.32 -9.10
N SER B 49 19.75 -7.08 -10.17
CA SER B 49 20.78 -7.29 -11.18
C SER B 49 21.22 -5.91 -11.72
N TYR B 50 20.26 -5.09 -12.12
CA TYR B 50 20.59 -3.73 -12.60
C TYR B 50 21.38 -2.85 -11.60
N THR B 51 20.87 -2.71 -10.37
CA THR B 51 21.49 -1.81 -9.40
C THR B 51 22.72 -2.39 -8.71
N THR B 52 22.87 -3.71 -8.64
CA THR B 52 24.00 -4.26 -7.82
C THR B 52 24.91 -5.15 -8.66
N ASN B 53 24.46 -5.49 -9.86
CA ASN B 53 25.14 -6.50 -10.70
C ASN B 53 25.14 -7.91 -10.10
N ALA B 54 24.26 -8.19 -9.14
CA ALA B 54 24.23 -9.52 -8.53
C ALA B 54 22.85 -10.09 -8.87
N PHE B 55 22.73 -11.41 -8.83
CA PHE B 55 21.49 -12.03 -9.20
C PHE B 55 21.05 -12.86 -8.00
N PRO B 56 19.91 -12.50 -7.35
CA PRO B 56 19.51 -13.16 -6.08
C PRO B 56 19.53 -14.68 -6.15
N GLU B 58 17.65 -17.05 -4.03
CA GLU B 58 16.32 -17.52 -3.63
C GLU B 58 15.23 -16.70 -4.31
N TYR B 59 14.00 -17.20 -4.23
CA TYR B 59 12.81 -16.46 -4.58
C TYR B 59 12.12 -16.09 -3.26
N ILE B 60 12.00 -14.79 -3.01
CA ILE B 60 11.22 -14.27 -1.90
C ILE B 60 10.17 -13.35 -2.50
N PRO B 61 8.87 -13.71 -2.40
CA PRO B 61 7.86 -12.80 -2.95
C PRO B 61 7.99 -11.45 -2.27
N THR B 62 8.03 -10.41 -3.05
CA THR B 62 8.00 -9.05 -2.58
C THR B 62 6.68 -8.62 -1.91
N VAL B 63 6.80 -7.89 -0.80
CA VAL B 63 5.66 -7.23 -0.23
C VAL B 63 5.70 -5.82 -0.83
N PHE B 64 6.85 -5.18 -0.64
CA PHE B 64 7.17 -3.90 -1.29
C PHE B 64 8.61 -3.48 -0.96
N ASP B 65 9.35 -3.00 -1.96
CA ASP B 65 10.70 -2.44 -1.67
C ASP B 65 10.98 -1.29 -2.60
N ASN B 66 11.86 -0.38 -2.19
CA ASN B 66 12.39 0.72 -3.01
CA ASN B 66 12.37 0.64 -3.10
C ASN B 66 13.90 0.58 -3.23
N TYR B 67 14.38 0.73 -4.47
CA TYR B 67 15.82 0.77 -4.76
C TYR B 67 16.15 2.11 -5.44
N SER B 68 17.41 2.53 -5.38
CA SER B 68 17.83 3.65 -6.24
C SER B 68 19.10 3.42 -7.05
N ALA B 69 19.14 4.01 -8.22
CA ALA B 69 20.34 3.99 -9.02
C ALA B 69 20.65 5.40 -9.51
N ASN B 70 21.92 5.78 -9.45
CA ASN B 70 22.32 6.98 -10.18
C ASN B 70 22.86 6.59 -11.55
N VAL B 71 22.27 7.14 -12.59
CA VAL B 71 22.46 6.62 -13.95
C VAL B 71 22.82 7.76 -14.91
N MET B 72 23.72 7.48 -15.87
CA MET B 72 23.97 8.42 -16.95
C MET B 72 23.30 7.91 -18.22
N VAL B 73 22.36 8.68 -18.76
CA VAL B 73 21.69 8.38 -20.03
C VAL B 73 21.77 9.63 -20.92
N ASP B 74 22.38 9.44 -22.09
CA ASP B 74 22.61 10.51 -23.08
C ASP B 74 23.23 11.73 -22.37
N GLY B 75 24.38 11.50 -21.73
CA GLY B 75 25.17 12.57 -21.07
C GLY B 75 24.51 13.26 -19.89
N LYS B 76 23.37 12.71 -19.46
CA LYS B 76 22.58 13.25 -18.36
C LYS B 76 22.56 12.32 -17.14
N PRO B 77 22.97 12.85 -15.96
CA PRO B 77 22.89 12.10 -14.69
C PRO B 77 21.47 12.10 -14.14
N VAL B 78 21.06 10.99 -13.53
CA VAL B 78 19.66 10.79 -13.16
C VAL B 78 19.60 10.02 -11.85
N ASN B 79 18.82 10.54 -10.90
CA ASN B 79 18.50 9.74 -9.73
C ASN B 79 17.20 8.96 -10.00
N LEU B 80 17.33 7.64 -10.15
CA LEU B 80 16.22 6.80 -10.46
C LEU B 80 15.71 6.10 -9.20
N GLY B 81 14.41 6.19 -8.92
CA GLY B 81 13.82 5.50 -7.78
C GLY B 81 13.01 4.35 -8.37
N LEU B 82 13.27 3.16 -7.89
CA LEU B 82 12.70 1.95 -8.43
C LEU B 82 11.82 1.34 -7.36
N TRP B 83 10.52 1.30 -7.64
CA TRP B 83 9.49 0.81 -6.73
C TRP B 83 9.16 -0.58 -7.12
N ASP B 84 9.52 -1.54 -6.26
CA ASP B 84 9.37 -2.93 -6.58
C ASP B 84 8.07 -3.45 -5.92
N THR B 85 7.06 -3.80 -6.75
CA THR B 85 5.75 -4.11 -6.17
C THR B 85 5.53 -5.61 -6.08
N ALA B 86 4.54 -6.00 -5.28
CA ALA B 86 4.11 -7.41 -5.15
C ALA B 86 3.28 -7.90 -6.37
N GLY B 87 3.79 -8.94 -7.00
CA GLY B 87 3.04 -9.63 -8.07
C GLY B 87 1.80 -10.33 -7.57
N LEU B 88 1.84 -10.84 -6.34
CA LEU B 88 0.77 -11.68 -5.79
C LEU B 88 -0.52 -10.92 -5.66
N GLU B 89 -1.61 -11.52 -6.17
CA GLU B 89 -2.96 -10.92 -6.13
C GLU B 89 -3.43 -10.56 -4.70
N ASP B 90 -2.86 -11.19 -3.68
CA ASP B 90 -3.21 -10.81 -2.31
C ASP B 90 -3.03 -9.34 -2.05
N TYR B 91 -2.16 -8.69 -2.82
CA TYR B 91 -1.81 -7.32 -2.57
C TYR B 91 -2.52 -6.34 -3.52
N ASP B 92 -3.44 -6.89 -4.34
CA ASP B 92 -4.22 -6.09 -5.29
C ASP B 92 -4.89 -4.84 -4.72
N ARG B 93 -5.54 -4.96 -3.55
CA ARG B 93 -6.20 -3.77 -3.00
C ARG B 93 -5.21 -2.69 -2.60
N LEU B 94 -3.95 -3.09 -2.38
CA LEU B 94 -2.91 -2.21 -1.85
C LEU B 94 -1.98 -1.64 -2.90
N ARG B 95 -1.67 -2.42 -3.95
CA ARG B 95 -0.63 -2.06 -4.89
C ARG B 95 -0.85 -0.63 -5.48
N PRO B 96 -2.09 -0.28 -5.87
CA PRO B 96 -2.28 1.03 -6.53
C PRO B 96 -1.96 2.27 -5.67
N LEU B 97 -1.92 2.11 -4.35
CA LEU B 97 -1.45 3.19 -3.45
C LEU B 97 -0.03 3.63 -3.80
N SER B 98 0.73 2.76 -4.44
CA SER B 98 2.07 3.05 -5.01
CA SER B 98 2.07 3.15 -4.92
C SER B 98 2.07 4.01 -6.21
N TYR B 99 0.93 4.11 -6.89
CA TYR B 99 0.88 4.68 -8.27
C TYR B 99 0.92 6.19 -8.45
N PRO B 100 0.33 6.96 -7.51
CA PRO B 100 0.33 8.41 -7.68
C PRO B 100 1.75 8.99 -7.94
N GLN B 101 1.88 9.95 -8.85
CA GLN B 101 3.17 10.59 -9.10
C GLN B 101 4.20 9.69 -9.79
N THR B 102 3.77 8.60 -10.37
CA THR B 102 4.75 7.73 -11.04
C THR B 102 5.21 8.44 -12.31
N ASP B 103 6.51 8.34 -12.62
CA ASP B 103 6.99 8.92 -13.88
C ASP B 103 6.92 8.02 -15.11
N VAL B 104 7.15 6.74 -14.85
CA VAL B 104 7.19 5.76 -15.88
C VAL B 104 6.86 4.40 -15.21
N PHE B 105 6.10 3.57 -15.91
CA PHE B 105 5.86 2.18 -15.46
C PHE B 105 6.58 1.12 -16.29
N LEU B 106 7.10 0.07 -15.61
CA LEU B 106 7.52 -1.14 -16.30
C LEU B 106 6.44 -2.19 -16.02
N ILE B 107 5.73 -2.61 -17.06
CA ILE B 107 4.88 -3.83 -16.95
C ILE B 107 5.68 -4.99 -17.51
N CYS B 108 5.89 -5.97 -16.63
CA CYS B 108 6.77 -7.10 -16.90
C CYS B 108 5.94 -8.34 -16.96
N PHE B 109 6.33 -9.23 -17.86
CA PHE B 109 5.73 -10.59 -17.94
C PHE B 109 6.90 -11.48 -18.33
N SER B 110 6.90 -12.75 -17.90
CA SER B 110 7.95 -13.71 -18.19
C SER B 110 7.68 -14.24 -19.61
N LEU B 111 8.71 -14.17 -20.46
CA LEU B 111 8.69 -14.72 -21.82
C LEU B 111 8.39 -16.25 -21.78
N VAL B 112 8.59 -16.91 -20.65
CA VAL B 112 8.25 -18.35 -20.62
C VAL B 112 6.97 -18.67 -19.83
N SER B 113 6.17 -17.64 -19.60
CA SER B 113 4.89 -17.86 -18.96
C SER B 113 3.80 -17.10 -19.74
N PRO B 114 3.18 -17.80 -20.71
CA PRO B 114 2.04 -17.22 -21.42
C PRO B 114 0.90 -16.71 -20.56
N ALA B 115 0.59 -17.31 -19.38
CA ALA B 115 -0.44 -16.69 -18.50
C ALA B 115 0.02 -15.26 -18.13
N SER B 116 1.29 -15.10 -17.70
CA SER B 116 1.74 -13.79 -17.27
C SER B 116 1.67 -12.75 -18.39
N PHE B 117 1.82 -13.21 -19.63
CA PHE B 117 1.75 -12.32 -20.80
C PHE B 117 0.32 -11.84 -21.10
N GLU B 118 -0.65 -12.75 -21.01
CA GLU B 118 -2.06 -12.41 -21.19
C GLU B 118 -2.49 -11.44 -20.09
N ASN B 119 -1.94 -11.63 -18.88
CA ASN B 119 -2.25 -10.73 -17.73
C ASN B 119 -1.72 -9.35 -17.90
N VAL B 120 -0.77 -9.19 -18.81
CA VAL B 120 -0.34 -7.80 -19.19
C VAL B 120 -1.58 -6.98 -19.60
N ARG B 121 -2.41 -7.52 -20.51
CA ARG B 121 -3.56 -6.70 -20.92
C ARG B 121 -4.78 -7.07 -20.10
N ALA B 122 -4.86 -8.29 -19.53
CA ALA B 122 -6.10 -8.59 -18.75
C ALA B 122 -6.06 -7.91 -17.38
N LYS B 123 -4.87 -7.71 -16.82
CA LYS B 123 -4.76 -7.18 -15.44
C LYS B 123 -3.88 -5.91 -15.25
N TRP B 124 -2.62 -5.95 -15.67
CA TRP B 124 -1.64 -4.86 -15.40
C TRP B 124 -1.94 -3.60 -16.09
N TYR B 125 -2.17 -3.68 -17.39
CA TYR B 125 -2.61 -2.50 -18.14
C TYR B 125 -3.86 -1.75 -17.55
N PRO B 126 -5.00 -2.44 -17.31
CA PRO B 126 -6.17 -1.73 -16.76
C PRO B 126 -5.86 -1.21 -15.33
N GLU B 127 -5.09 -1.96 -14.54
CA GLU B 127 -4.88 -1.55 -13.16
C GLU B 127 -4.05 -0.26 -13.11
N VAL B 128 -3.00 -0.24 -13.95
CA VAL B 128 -2.14 0.97 -14.11
C VAL B 128 -2.93 2.16 -14.63
N ARG B 129 -3.64 1.94 -15.73
CA ARG B 129 -4.43 3.02 -16.40
C ARG B 129 -5.61 3.57 -15.57
N HIS B 130 -6.25 2.68 -14.80
CA HIS B 130 -7.30 3.07 -13.83
C HIS B 130 -6.82 4.28 -13.07
N HIS B 131 -5.60 4.19 -12.52
CA HIS B 131 -5.04 5.27 -11.69
C HIS B 131 -4.19 6.33 -12.37
N CYS B 132 -3.53 5.95 -13.45
CA CYS B 132 -2.52 6.81 -14.10
C CYS B 132 -2.81 6.78 -15.59
N PRO B 133 -3.71 7.70 -16.06
CA PRO B 133 -4.07 7.53 -17.47
C PRO B 133 -2.96 7.92 -18.46
N ASN B 134 -1.96 8.68 -18.00
CA ASN B 134 -0.98 9.30 -18.92
C ASN B 134 0.39 8.72 -18.84
N THR B 135 0.70 8.14 -17.70
CA THR B 135 2.06 7.74 -17.38
C THR B 135 2.56 6.77 -18.46
N PRO B 136 3.73 7.06 -19.03
CA PRO B 136 4.36 6.12 -20.01
C PRO B 136 4.54 4.71 -19.44
N ILE B 137 4.23 3.72 -20.28
CA ILE B 137 4.46 2.31 -19.96
C ILE B 137 5.52 1.72 -20.91
N ILE B 138 6.53 1.10 -20.32
CA ILE B 138 7.44 0.24 -21.07
C ILE B 138 6.97 -1.18 -20.80
N LEU B 139 6.79 -1.97 -21.86
CA LEU B 139 6.43 -3.39 -21.66
C LEU B 139 7.74 -4.18 -21.69
N VAL B 140 7.95 -5.05 -20.70
CA VAL B 140 9.22 -5.68 -20.54
C VAL B 140 8.99 -7.20 -20.49
N GLY B 141 9.58 -7.90 -21.46
CA GLY B 141 9.59 -9.35 -21.42
C GLY B 141 10.81 -9.84 -20.63
N THR B 142 10.62 -10.70 -19.62
CA THR B 142 11.68 -11.14 -18.71
C THR B 142 12.10 -12.63 -18.96
N LYS B 143 13.23 -13.04 -18.34
CA LYS B 143 13.82 -14.41 -18.47
C LYS B 143 14.10 -14.77 -19.94
N LEU B 144 14.56 -13.74 -20.64
CA LEU B 144 14.94 -13.87 -22.02
C LEU B 144 15.92 -15.00 -22.24
N ASP B 145 16.75 -15.28 -21.24
CA ASP B 145 17.75 -16.34 -21.35
C ASP B 145 17.09 -17.72 -21.49
N LEU B 146 15.82 -17.82 -21.07
CA LEU B 146 15.14 -19.12 -21.10
C LEU B 146 14.32 -19.31 -22.42
N ARG B 147 14.13 -18.23 -23.16
CA ARG B 147 13.02 -18.19 -24.11
C ARG B 147 13.28 -19.07 -25.24
N ASP B 148 14.56 -19.21 -25.60
CA ASP B 148 14.87 -20.03 -26.70
C ASP B 148 15.51 -21.36 -26.34
N ASP B 149 15.54 -21.69 -25.05
CA ASP B 149 16.15 -22.94 -24.58
C ASP B 149 15.27 -24.14 -24.93
N LYS B 150 15.87 -25.18 -25.50
CA LYS B 150 15.08 -26.31 -25.96
C LYS B 150 14.39 -27.06 -24.80
N ASP B 151 14.90 -26.92 -23.57
CA ASP B 151 14.31 -27.63 -22.44
C ASP B 151 13.04 -26.90 -21.94
N THR B 152 13.15 -25.57 -21.91
CA THR B 152 12.00 -24.74 -21.64
C THR B 152 10.93 -24.99 -22.69
N ILE B 153 11.35 -25.03 -23.97
CA ILE B 153 10.43 -25.24 -25.08
C ILE B 153 9.70 -26.60 -24.88
N GLU B 154 10.42 -27.63 -24.48
CA GLU B 154 9.79 -28.96 -24.31
C GLU B 154 8.78 -28.93 -23.16
N LYS B 155 9.13 -28.23 -22.09
CA LYS B 155 8.32 -28.22 -20.87
C LYS B 155 6.99 -27.51 -21.12
N LEU B 156 7.09 -26.37 -21.78
CA LEU B 156 5.91 -25.68 -22.30
C LEU B 156 5.10 -26.48 -23.30
N LYS B 157 5.77 -27.12 -24.26
CA LYS B 157 5.09 -27.93 -25.26
C LYS B 157 4.16 -28.97 -24.60
N GLU B 158 4.64 -29.64 -23.55
CA GLU B 158 3.81 -30.59 -22.79
C GLU B 158 2.49 -29.97 -22.35
N LYS B 159 2.43 -28.66 -22.16
CA LYS B 159 1.21 -28.00 -21.77
C LYS B 159 0.50 -27.30 -22.94
N LYS B 160 0.92 -27.67 -24.14
CA LYS B 160 0.64 -26.97 -25.40
C LYS B 160 0.75 -25.48 -25.31
N LEU B 161 1.83 -25.04 -24.67
CA LEU B 161 2.18 -23.65 -24.67
C LEU B 161 3.46 -23.51 -25.46
N THR B 162 3.82 -22.27 -25.83
CA THR B 162 5.07 -21.95 -26.56
C THR B 162 5.54 -20.63 -25.93
N PRO B 163 6.87 -20.43 -25.86
CA PRO B 163 7.39 -19.23 -25.17
C PRO B 163 6.86 -18.04 -25.96
N ILE B 164 6.82 -16.85 -25.36
CA ILE B 164 6.34 -15.64 -26.12
C ILE B 164 7.43 -15.20 -27.09
N THR B 165 7.05 -14.95 -28.35
CA THR B 165 8.03 -14.50 -29.35
C THR B 165 8.13 -12.96 -29.37
N TYR B 166 9.26 -12.47 -29.92
CA TYR B 166 9.45 -11.02 -30.03
C TYR B 166 8.30 -10.29 -30.82
N PRO B 167 7.91 -10.83 -32.01
CA PRO B 167 6.73 -10.21 -32.65
C PRO B 167 5.46 -10.24 -31.78
N GLN B 168 5.22 -11.30 -31.01
CA GLN B 168 3.99 -11.30 -30.17
C GLN B 168 4.13 -10.21 -29.06
N GLY B 169 5.32 -10.07 -28.48
CA GLY B 169 5.45 -9.03 -27.44
C GLY B 169 5.28 -7.65 -28.04
N LEU B 170 5.73 -7.50 -29.27
CA LEU B 170 5.60 -6.24 -29.97
C LEU B 170 4.11 -5.92 -30.26
N ALA B 171 3.33 -6.91 -30.72
CA ALA B 171 1.85 -6.76 -30.86
C ALA B 171 1.21 -6.40 -29.54
N MET B 172 1.61 -7.03 -28.45
CA MET B 172 1.11 -6.62 -27.11
C MET B 172 1.44 -5.17 -26.73
N ALA B 173 2.67 -4.73 -26.99
CA ALA B 173 3.08 -3.34 -26.66
C ALA B 173 2.17 -2.42 -27.41
N LYS B 174 1.87 -2.72 -28.66
CA LYS B 174 1.03 -1.78 -29.45
C LYS B 174 -0.43 -1.83 -28.87
N GLU B 175 -0.87 -3.01 -28.50
CA GLU B 175 -2.24 -3.21 -27.97
C GLU B 175 -2.39 -2.43 -26.67
N ILE B 176 -1.37 -2.37 -25.82
CA ILE B 176 -1.55 -1.57 -24.62
C ILE B 176 -0.99 -0.12 -24.75
N GLY B 177 -0.60 0.32 -25.96
CA GLY B 177 -0.01 1.68 -26.19
C GLY B 177 1.26 1.95 -25.35
N ALA B 178 2.07 0.92 -25.12
CA ALA B 178 3.40 1.07 -24.48
C ALA B 178 4.30 1.89 -25.39
N VAL B 179 5.20 2.65 -24.78
CA VAL B 179 6.12 3.51 -25.50
CA VAL B 179 6.06 3.48 -25.61
C VAL B 179 7.20 2.64 -26.15
N LYS B 180 7.43 1.46 -25.56
CA LYS B 180 8.55 0.65 -26.06
C LYS B 180 8.31 -0.79 -25.65
N TYR B 181 8.80 -1.73 -26.46
CA TYR B 181 8.76 -3.18 -26.03
C TYR B 181 10.20 -3.61 -25.91
N LEU B 182 10.56 -4.21 -24.78
CA LEU B 182 11.98 -4.62 -24.57
C LEU B 182 12.03 -6.03 -23.95
N GLU B 183 13.04 -6.80 -24.31
CA GLU B 183 13.19 -8.12 -23.67
C GLU B 183 14.50 -8.09 -22.88
N CYS B 184 14.56 -8.71 -21.72
CA CYS B 184 15.83 -8.67 -21.03
C CYS B 184 15.98 -9.99 -20.23
N SER B 185 17.21 -10.27 -19.77
CA SER B 185 17.47 -11.31 -18.80
C SER B 185 18.18 -10.66 -17.60
N ALA B 186 17.60 -10.72 -16.42
CA ALA B 186 18.33 -10.30 -15.23
C ALA B 186 19.58 -11.12 -14.99
N LEU B 187 19.52 -12.37 -15.47
CA LEU B 187 20.57 -13.31 -15.21
C LEU B 187 21.81 -13.03 -16.06
N THR B 188 21.63 -12.87 -17.38
CA THR B 188 22.83 -12.67 -18.24
C THR B 188 23.01 -11.15 -18.46
N GLN B 189 22.02 -10.37 -18.03
CA GLN B 189 21.99 -8.89 -18.28
C GLN B 189 21.86 -8.56 -19.78
N ARG B 190 21.55 -9.57 -20.60
CA ARG B 190 21.16 -9.25 -21.94
C ARG B 190 19.93 -8.30 -21.96
N GLY B 191 20.03 -7.13 -22.59
CA GLY B 191 18.84 -6.24 -22.70
C GLY B 191 18.59 -5.38 -21.47
N LEU B 192 19.39 -5.59 -20.45
CA LEU B 192 19.07 -5.03 -19.13
C LEU B 192 19.29 -3.51 -19.01
N LYS B 193 20.40 -3.04 -19.54
CA LYS B 193 20.67 -1.58 -19.51
C LYS B 193 19.62 -0.76 -20.28
N THR B 194 19.22 -1.31 -21.41
CA THR B 194 18.29 -0.65 -22.33
C THR B 194 16.94 -0.46 -21.68
N VAL B 195 16.50 -1.40 -20.87
CA VAL B 195 15.26 -1.23 -20.14
C VAL B 195 15.26 0.08 -19.35
N PHE B 196 16.34 0.33 -18.62
CA PHE B 196 16.38 1.54 -17.76
C PHE B 196 16.70 2.81 -18.56
N ASP B 197 17.52 2.68 -19.60
CA ASP B 197 17.80 3.80 -20.48
C ASP B 197 16.48 4.26 -21.12
N GLU B 198 15.71 3.30 -21.63
CA GLU B 198 14.43 3.61 -22.23
C GLU B 198 13.38 4.11 -21.21
N ALA B 199 13.28 3.47 -20.04
CA ALA B 199 12.47 4.06 -18.93
C ALA B 199 12.80 5.52 -18.74
N ILE B 200 14.07 5.85 -18.65
CA ILE B 200 14.42 7.26 -18.46
C ILE B 200 14.09 8.11 -19.70
N ARG B 201 14.34 7.57 -20.89
CA ARG B 201 14.01 8.29 -22.17
C ARG B 201 12.50 8.63 -22.31
N ALA B 202 11.67 7.73 -21.79
CA ALA B 202 10.20 7.87 -21.74
C ALA B 202 9.74 9.09 -20.91
N VAL B 203 10.51 9.44 -19.90
CA VAL B 203 10.10 10.47 -18.97
C VAL B 203 10.57 11.76 -19.70
PG GNP C . -8.08 -4.64 11.38
O1G GNP C . -6.98 -3.51 11.59
O2G GNP C . -8.99 -4.16 10.22
O3G GNP C . -7.54 -5.98 11.36
N3B GNP C . -9.08 -4.68 12.79
PB GNP C . -10.13 -3.32 13.06
O1B GNP C . -9.36 -2.31 13.87
O2B GNP C . -10.79 -2.57 11.82
O3A GNP C . -11.25 -3.91 13.99
PA GNP C . -12.81 -4.12 13.66
O1A GNP C . -13.50 -2.80 13.44
O2A GNP C . -12.94 -5.03 12.46
O5' GNP C . -13.30 -4.76 15.01
C5' GNP C . -12.54 -5.73 15.77
C4' GNP C . -13.52 -6.42 16.69
O4' GNP C . -13.83 -5.53 17.80
C3' GNP C . -14.83 -6.81 16.01
O3' GNP C . -15.31 -8.03 16.53
C2' GNP C . -15.80 -5.78 16.54
O2' GNP C . -17.16 -6.24 16.47
C1' GNP C . -15.27 -5.45 17.94
N9 GNP C . -15.67 -4.07 18.15
C8 GNP C . -15.46 -3.06 17.29
N7 GNP C . -15.93 -1.90 17.79
C5 GNP C . -16.48 -2.19 18.97
C6 GNP C . -17.17 -1.45 20.02
O6 GNP C . -17.38 -0.25 19.79
N1 GNP C . -17.60 -2.10 21.12
C2 GNP C . -17.38 -3.44 21.28
N2 GNP C . -17.80 -4.13 22.40
N3 GNP C . -16.76 -4.16 20.34
C4 GNP C . -16.30 -3.60 19.20
MG MG D . -10.54 -3.35 9.92
C1 IPA E . -21.13 3.46 27.91
C2 IPA E . -22.02 3.17 26.71
C3 IPA E . -23.23 4.12 26.60
O2 IPA E . -21.23 3.26 25.58
PG GNP F . 7.01 -11.23 -6.76
O1G GNP F . 7.92 -10.35 -5.98
O2G GNP F . 5.95 -10.38 -7.61
O3G GNP F . 6.31 -12.46 -5.98
N3B GNP F . 7.96 -12.15 -7.87
PB GNP F . 9.15 -11.39 -8.81
O1B GNP F . 9.94 -10.29 -8.05
O2B GNP F . 8.53 -10.77 -10.01
O3A GNP F . 10.17 -12.52 -9.21
PA GNP F . 11.70 -12.55 -8.70
O1A GNP F . 11.70 -12.73 -7.23
O2A GNP F . 12.56 -11.48 -9.28
O5' GNP F . 12.15 -13.92 -9.42
C5' GNP F . 11.30 -15.06 -9.36
C4' GNP F . 12.15 -16.30 -9.74
O4' GNP F . 12.48 -16.33 -11.16
C3' GNP F . 13.45 -16.35 -8.97
O3' GNP F . 13.51 -17.73 -8.71
C2' GNP F . 14.52 -16.17 -10.01
O2' GNP F . 15.64 -17.03 -9.84
C1' GNP F . 13.89 -16.46 -11.38
N9 GNP F . 14.36 -15.42 -12.35
C8 GNP F . 14.20 -14.09 -12.22
N7 GNP F . 14.76 -13.40 -13.26
C5 GNP F . 15.33 -14.35 -14.08
C6 GNP F . 16.07 -14.36 -15.35
O6 GNP F . 16.37 -13.26 -15.93
N1 GNP F . 16.48 -15.55 -15.84
C2 GNP F . 16.18 -16.75 -15.20
N2 GNP F . 16.58 -17.95 -15.70
N3 GNP F . 15.48 -16.80 -14.05
C4 GNP F . 15.04 -15.68 -13.45
MG MG G . 9.61 -9.48 -6.21
#